data_8EO1
#
_entry.id   8EO1
#
_cell.length_a   42.993
_cell.length_b   60.649
_cell.length_c   44.451
_cell.angle_alpha   90.000
_cell.angle_beta   116.722
_cell.angle_gamma   90.000
#
_symmetry.space_group_name_H-M   'P 1 21 1'
#
loop_
_entity.id
_entity.type
_entity.pdbx_description
1 polymer "DNA (5'-D(*AP*AP*TP*AP*AP*GP*CP*GP*GP*AP*AP*GP*TP*GP*GP*G)-3')"
2 polymer "DNA (5'-D(*TP*CP*CP*CP*AP*CP*TP*TP*CP*GP*CP*TP*TP*AP*T)-3')"
3 polymer 'Transcription factor PU.1'
4 non-polymer 'SODIUM ION'
5 water water
#
loop_
_entity_poly.entity_id
_entity_poly.type
_entity_poly.pdbx_seq_one_letter_code
_entity_poly.pdbx_strand_id
1 'polydeoxyribonucleotide' (DA)(DA)(DT)(DA)(DA)(DG)(DC)(DG)(DG)(DA)(DA)(DG)(DT)(DG)(DG)(DG) C
2 'polydeoxyribonucleotide' (DT)(DC)(DC)(DC)(DA)(DC)(DT)(DT)(DC)(5CM)(DG)(DC)(DT)(DT)(DA)(DT) D
3 'polypeptide(L)'
;GSKKKIRLYQFLLDLLRSGDMKDSIWWVDKDKGTFQFSSKHKEALAHRWGIQKGNRKKMTYQKMARALRNYGKTGEVKKV
KKKLTYQFSGEVLGRGGLAERRHPPH
;
F
#
# COMPACT_ATOMS: atom_id res chain seq x y z
N LYS C 5 -16.04 -3.90 3.54
CA LYS C 5 -15.11 -2.80 3.34
C LYS C 5 -13.94 -3.22 2.46
N ILE C 6 -13.29 -2.24 1.84
CA ILE C 6 -12.20 -2.51 0.92
C ILE C 6 -11.02 -3.11 1.68
N ARG C 7 -10.31 -4.02 1.02
CA ARG C 7 -9.09 -4.58 1.57
C ARG C 7 -7.91 -3.66 1.32
N LEU C 8 -6.91 -3.74 2.20
CA LEU C 8 -5.77 -2.85 2.11
C LEU C 8 -5.08 -2.93 0.75
N TYR C 9 -4.88 -4.13 0.21
CA TYR C 9 -4.17 -4.21 -1.06
C TYR C 9 -4.97 -3.55 -2.18
N GLN C 10 -6.30 -3.63 -2.11
CA GLN C 10 -7.14 -2.99 -3.12
C GLN C 10 -7.12 -1.48 -2.98
N PHE C 11 -7.09 -0.98 -1.74
CA PHE C 11 -6.96 0.46 -1.48
C PHE C 11 -5.68 1.00 -2.15
N LEU C 12 -4.57 0.28 -1.98
CA LEU C 12 -3.31 0.72 -2.55
C LEU C 12 -3.33 0.64 -4.07
N LEU C 13 -3.83 -0.47 -4.62
CA LEU C 13 -3.92 -0.61 -6.06
C LEU C 13 -4.81 0.48 -6.66
N ASP C 14 -5.92 0.79 -6.00
CA ASP C 14 -6.80 1.85 -6.48
C ASP C 14 -6.11 3.20 -6.47
N LEU C 15 -5.33 3.49 -5.41
CA LEU C 15 -4.59 4.75 -5.37
C LEU C 15 -3.59 4.84 -6.51
N LEU C 16 -2.89 3.75 -6.78
CA LEU C 16 -1.92 3.77 -7.86
C LEU C 16 -2.61 3.96 -9.20
N ARG C 17 -3.80 3.39 -9.38
CA ARG C 17 -4.52 3.58 -10.64
C ARG C 17 -5.04 5.00 -10.79
N SER C 18 -5.50 5.62 -9.69
CA SER C 18 -6.09 6.96 -9.80
C SER C 18 -5.04 8.07 -9.81
N GLY C 19 -3.87 7.82 -9.23
CA GLY C 19 -2.86 8.85 -9.08
C GLY C 19 -3.17 9.93 -8.05
N ASP C 20 -4.13 9.69 -7.14
CA ASP C 20 -4.59 10.78 -6.27
C ASP C 20 -3.58 11.16 -5.18
N MET C 21 -2.66 10.27 -4.84
CA MET C 21 -1.61 10.53 -3.86
C MET C 21 -0.24 10.21 -4.45
N LYS C 22 0.02 10.74 -5.65
CA LYS C 22 1.23 10.38 -6.37
C LYS C 22 2.49 10.82 -5.67
N ASP C 23 2.41 11.73 -4.71
CA ASP C 23 3.59 12.09 -3.93
C ASP C 23 3.79 11.19 -2.73
N SER C 24 2.87 10.26 -2.47
CA SER C 24 3.01 9.31 -1.39
C SER C 24 3.31 7.89 -1.84
N ILE C 25 2.96 7.54 -3.08
CA ILE C 25 3.09 6.15 -3.54
C ILE C 25 3.22 6.22 -5.05
N TRP C 26 4.01 5.32 -5.62
CA TRP C 26 4.18 5.30 -7.08
C TRP C 26 4.61 3.91 -7.52
N TRP C 27 4.34 3.61 -8.78
CA TRP C 27 4.86 2.39 -9.37
C TRP C 27 6.36 2.51 -9.56
N VAL C 28 7.05 1.38 -9.39
CA VAL C 28 8.45 1.27 -9.76
C VAL C 28 8.53 0.60 -11.13
N ASP C 29 7.93 -0.59 -11.25
CA ASP C 29 7.74 -1.26 -12.52
C ASP C 29 6.31 -1.78 -12.53
N LYS C 30 5.41 -1.03 -13.16
CA LYS C 30 4.00 -1.41 -13.08
C LYS C 30 3.74 -2.76 -13.73
N ASP C 31 4.49 -3.12 -14.77
CA ASP C 31 4.31 -4.42 -15.41
C ASP C 31 4.58 -5.57 -14.43
N LYS C 32 5.52 -5.39 -13.52
CA LYS C 32 5.82 -6.38 -12.50
C LYS C 32 5.00 -6.18 -11.23
N GLY C 33 4.26 -5.09 -11.14
CA GLY C 33 3.49 -4.78 -9.95
C GLY C 33 4.30 -4.27 -8.79
N THR C 34 5.52 -3.78 -9.01
CA THR C 34 6.32 -3.23 -7.92
C THR C 34 5.99 -1.76 -7.69
N PHE C 35 5.87 -1.38 -6.43
CA PHE C 35 5.50 -0.04 -6.05
C PHE C 35 6.26 0.36 -4.79
N GLN C 36 6.34 1.66 -4.56
CA GLN C 36 7.15 2.20 -3.49
C GLN C 36 6.43 3.36 -2.82
N PHE C 37 6.57 3.43 -1.51
CA PHE C 37 6.06 4.55 -0.73
C PHE C 37 7.11 5.64 -0.56
N SER C 38 6.64 6.88 -0.42
CA SER C 38 7.49 8.03 -0.11
C SER C 38 7.93 7.99 1.34
N SER C 39 9.23 8.19 1.56
CA SER C 39 9.71 8.27 2.95
C SER C 39 9.03 9.40 3.70
N LYS C 40 8.96 10.58 3.08
CA LYS C 40 8.46 11.75 3.78
C LYS C 40 6.96 11.91 3.73
N HIS C 41 6.26 11.24 2.81
CA HIS C 41 4.83 11.49 2.61
C HIS C 41 3.97 10.25 2.76
N LYS C 42 4.53 9.14 3.26
CA LYS C 42 3.72 7.94 3.43
C LYS C 42 2.72 8.07 4.56
N GLU C 43 2.99 8.91 5.57
CA GLU C 43 2.07 8.96 6.69
CA GLU C 43 2.07 8.96 6.69
C GLU C 43 0.71 9.52 6.27
N ALA C 44 0.68 10.47 5.33
CA ALA C 44 -0.60 11.01 4.88
C ALA C 44 -1.43 9.91 4.24
N LEU C 45 -0.78 9.00 3.53
CA LEU C 45 -1.49 7.89 2.90
C LEU C 45 -1.99 6.92 3.97
N ALA C 46 -1.16 6.62 4.97
CA ALA C 46 -1.60 5.79 6.08
C ALA C 46 -2.80 6.42 6.79
N HIS C 47 -2.75 7.73 7.03
CA HIS C 47 -3.88 8.39 7.67
C HIS C 47 -5.16 8.16 6.89
N ARG C 48 -5.08 8.27 5.56
CA ARG C 48 -6.27 8.11 4.72
CA ARG C 48 -6.27 8.10 4.73
C ARG C 48 -6.82 6.69 4.83
N TRP C 49 -5.94 5.68 4.89
CA TRP C 49 -6.39 4.30 5.03
C TRP C 49 -7.19 4.12 6.32
N GLY C 50 -6.69 4.67 7.44
CA GLY C 50 -7.40 4.53 8.70
C GLY C 50 -8.75 5.22 8.69
N ILE C 51 -8.83 6.39 8.07
CA ILE C 51 -10.09 7.11 7.99
C ILE C 51 -11.06 6.38 7.08
N GLN C 52 -10.59 5.86 5.95
CA GLN C 52 -11.45 5.07 5.08
C GLN C 52 -12.04 3.89 5.82
N LYS C 53 -11.24 3.25 6.69
CA LYS C 53 -11.69 2.10 7.47
C LYS C 53 -12.54 2.47 8.67
N GLY C 54 -12.52 3.73 9.10
CA GLY C 54 -13.25 4.11 10.30
C GLY C 54 -12.65 3.53 11.57
N ASN C 55 -11.35 3.30 11.60
CA ASN C 55 -10.70 2.71 12.76
C ASN C 55 -10.74 3.68 13.94
N ARG C 56 -10.62 3.11 15.13
CA ARG C 56 -10.70 3.89 16.35
C ARG C 56 -9.51 4.85 16.46
N LYS C 57 -8.29 4.37 16.21
CA LYS C 57 -7.09 5.18 16.35
C LYS C 57 -6.64 5.71 14.99
N LYS C 58 -5.78 6.72 15.04
CA LYS C 58 -5.11 7.21 13.86
C LYS C 58 -4.22 6.12 13.31
N MET C 59 -4.28 5.90 12.00
CA MET C 59 -3.45 4.90 11.37
C MET C 59 -2.06 5.48 11.11
N THR C 60 -1.05 4.64 11.22
CA THR C 60 0.34 5.01 10.99
C THR C 60 0.91 4.09 9.92
N TYR C 61 2.01 4.53 9.30
CA TYR C 61 2.67 3.66 8.34
C TYR C 61 3.13 2.37 8.99
N GLN C 62 3.58 2.43 10.24
CA GLN C 62 4.04 1.22 10.92
CA GLN C 62 4.04 1.21 10.92
C GLN C 62 2.91 0.18 11.01
N LYS C 63 1.72 0.62 11.41
CA LYS C 63 0.60 -0.32 11.52
C LYS C 63 0.14 -0.79 10.15
N MET C 64 0.16 0.08 9.15
CA MET C 64 -0.24 -0.33 7.81
C MET C 64 0.74 -1.37 7.28
N ALA C 65 2.04 -1.16 7.47
CA ALA C 65 3.02 -2.13 7.03
C ALA C 65 2.94 -3.42 7.83
N ARG C 66 2.52 -3.37 9.09
CA ARG C 66 2.26 -4.60 9.84
C ARG C 66 1.19 -5.43 9.16
N ALA C 67 0.11 -4.78 8.70
CA ALA C 67 -0.91 -5.47 7.92
C ALA C 67 -0.36 -5.98 6.60
N LEU C 68 0.45 -5.18 5.91
CA LEU C 68 0.99 -5.61 4.62
C LEU C 68 1.81 -6.87 4.77
N ARG C 69 2.60 -6.99 5.84
CA ARG C 69 3.42 -8.17 6.01
C ARG C 69 2.59 -9.45 6.10
N ASN C 70 1.35 -9.38 6.57
CA ASN C 70 0.51 -10.56 6.64
C ASN C 70 0.11 -11.10 5.27
N TYR C 71 0.22 -10.29 4.22
CA TYR C 71 -0.05 -10.79 2.89
C TYR C 71 1.09 -11.64 2.34
N GLY C 72 2.25 -11.65 2.99
CA GLY C 72 3.38 -12.36 2.40
C GLY C 72 3.10 -13.83 2.17
N LYS C 73 2.39 -14.47 3.11
CA LYS C 73 2.15 -15.90 3.06
C LYS C 73 1.09 -16.27 2.02
N THR C 74 0.06 -15.46 1.88
CA THR C 74 -0.99 -15.74 0.90
C THR C 74 -0.65 -15.17 -0.48
N GLY C 75 0.22 -14.16 -0.54
CA GLY C 75 0.86 -13.77 -1.77
C GLY C 75 0.36 -12.50 -2.41
N GLU C 76 -0.67 -11.85 -1.86
CA GLU C 76 -1.25 -10.70 -2.55
C GLU C 76 -0.24 -9.58 -2.70
N VAL C 77 0.58 -9.38 -1.67
CA VAL C 77 1.62 -8.36 -1.65
C VAL C 77 2.82 -8.99 -0.98
N LYS C 78 3.99 -8.80 -1.57
CA LYS C 78 5.24 -9.26 -0.99
C LYS C 78 6.22 -8.10 -0.88
N LYS C 79 7.02 -8.11 0.16
CA LYS C 79 8.05 -7.11 0.36
C LYS C 79 9.19 -7.36 -0.62
N VAL C 80 9.65 -6.31 -1.31
CA VAL C 80 10.83 -6.33 -2.15
C VAL C 80 12.00 -5.81 -1.34
N LYS C 81 13.19 -6.33 -1.61
CA LYS C 81 14.38 -5.94 -0.88
C LYS C 81 14.92 -4.61 -1.38
N LYS C 82 14.05 -3.60 -1.41
CA LYS C 82 14.39 -2.22 -1.68
C LYS C 82 13.58 -1.36 -0.73
N LYS C 83 14.10 -0.19 -0.43
CA LYS C 83 13.50 0.68 0.57
C LYS C 83 12.05 0.98 0.22
N LEU C 84 11.16 0.67 1.16
CA LEU C 84 9.73 1.03 1.10
C LEU C 84 9.04 0.44 -0.13
N THR C 85 9.55 -0.66 -0.67
CA THR C 85 9.08 -1.23 -1.93
C THR C 85 8.41 -2.58 -1.69
N TYR C 86 7.32 -2.80 -2.41
CA TYR C 86 6.49 -3.99 -2.33
C TYR C 86 6.08 -4.40 -3.75
N GLN C 87 5.43 -5.56 -3.86
CA GLN C 87 5.03 -6.10 -5.16
C GLN C 87 3.69 -6.82 -5.05
N PHE C 88 2.71 -6.41 -5.87
CA PHE C 88 1.46 -7.14 -5.96
C PHE C 88 1.66 -8.44 -6.76
N SER C 89 0.83 -9.43 -6.45
CA SER C 89 0.82 -10.67 -7.21
C SER C 89 0.17 -10.44 -8.57
N GLY C 90 0.48 -11.34 -9.51
CA GLY C 90 -0.21 -11.33 -10.80
C GLY C 90 -1.72 -11.46 -10.66
N GLU C 91 -2.16 -12.26 -9.69
CA GLU C 91 -3.60 -12.42 -9.48
C GLU C 91 -4.24 -11.10 -9.07
N VAL C 92 -3.62 -10.38 -8.15
CA VAL C 92 -4.15 -9.09 -7.74
C VAL C 92 -4.17 -8.12 -8.91
N LEU C 93 -3.09 -8.09 -9.68
CA LEU C 93 -3.01 -7.18 -10.82
C LEU C 93 -4.05 -7.50 -11.88
N GLY C 94 -4.31 -8.78 -12.11
CA GLY C 94 -5.26 -9.18 -13.13
C GLY C 94 -6.69 -8.80 -12.79
N ARG C 95 -7.05 -8.84 -11.51
CA ARG C 95 -8.37 -8.42 -11.07
C ARG C 95 -8.43 -6.91 -10.91
#